data_3HL6
#
_entry.id   3HL6
#
_cell.length_a   82.739
_cell.length_b   78.578
_cell.length_c   83.541
_cell.angle_alpha   90.00
_cell.angle_beta   107.41
_cell.angle_gamma   90.00
#
_symmetry.space_group_name_H-M   'C 1 2 1'
#
loop_
_entity.id
_entity.type
_entity.pdbx_description
1 polymer 'Pathogenicity island protein'
2 non-polymer 'CHLORIDE ION'
3 water water
#
_entity_poly.entity_id   1
_entity_poly.type   'polypeptide(L)'
_entity_poly.pdbx_seq_one_letter_code
;MDIETIVNEFETRAGTLLRYYTGLLERSKVQPCCFKLYNDPFDMVYVMMNSKLFSHVYIKDCKVRQSFELASPKHTEGLI
RSIEGHYVGYELHDGKQLSISDMMASQLFEDEYFMYGLQTYAESNNSDVFKCLENGFDTDTLEGIQSSNTDVIANIEMLY
QLATGINEPVPELVEGLKLVTEFVQDENATQEDYKALERKLNDLKASYYSLSKLAAALEHHHHHH
;
_entity_poly.pdbx_strand_id   A,B
#
loop_
_chem_comp.id
_chem_comp.type
_chem_comp.name
_chem_comp.formula
CL non-polymer 'CHLORIDE ION' 'Cl -1'
#
# COMPACT_ATOMS: atom_id res chain seq x y z
N ASP A 2 22.38 15.35 -7.31
CA ASP A 2 20.98 15.57 -7.78
C ASP A 2 20.14 14.29 -7.82
N ILE A 3 20.62 13.24 -7.15
CA ILE A 3 19.76 12.11 -6.79
C ILE A 3 19.78 11.89 -5.29
N GLU A 4 18.74 12.37 -4.60
CA GLU A 4 18.52 12.03 -3.20
C GLU A 4 18.31 10.52 -3.06
N THR A 5 18.84 9.96 -1.98
CA THR A 5 18.68 8.56 -1.74
C THR A 5 17.84 8.38 -0.51
N ILE A 6 16.76 7.60 -0.63
CA ILE A 6 15.92 7.32 0.51
C ILE A 6 15.97 5.84 0.88
N VAL A 7 15.77 5.56 2.15
CA VAL A 7 16.03 4.24 2.75
C VAL A 7 14.71 3.53 2.89
N ASN A 8 14.68 2.25 2.52
CA ASN A 8 13.45 1.48 2.60
C ASN A 8 12.72 1.66 3.94
N GLU A 9 11.45 2.09 3.86
CA GLU A 9 10.62 2.33 5.05
C GLU A 9 9.51 1.28 5.25
N PHE A 10 9.39 0.34 4.32
CA PHE A 10 8.35 -0.69 4.38
C PHE A 10 8.98 -2.00 3.95
N GLU A 11 8.31 -3.11 4.19
CA GLU A 11 8.85 -4.39 3.70
C GLU A 11 9.03 -4.41 2.18
N THR A 12 8.42 -3.47 1.46
CA THR A 12 8.40 -3.50 0.00
C THR A 12 8.72 -2.13 -0.52
N ARG A 13 9.37 -2.07 -1.68
CA ARG A 13 9.63 -0.82 -2.33
C ARG A 13 8.40 -0.17 -2.87
N ALA A 14 7.45 -0.97 -3.38
CA ALA A 14 6.15 -0.44 -3.85
C ALA A 14 5.59 0.45 -2.76
N GLY A 15 5.65 -0.03 -1.52
CA GLY A 15 5.17 0.76 -0.39
C GLY A 15 5.84 2.09 -0.15
N THR A 16 7.18 2.10 -0.16
CA THR A 16 7.92 3.33 0.07
C THR A 16 7.64 4.28 -1.07
N LEU A 17 7.73 3.75 -2.29
CA LEU A 17 7.39 4.54 -3.49
C LEU A 17 6.06 5.26 -3.29
N LEU A 18 5.02 4.58 -2.78
CA LEU A 18 3.71 5.19 -2.67
C LEU A 18 3.68 6.25 -1.60
N ARG A 19 4.37 6.00 -0.49
CA ARG A 19 4.41 7.05 0.54
C ARG A 19 5.08 8.31 0.04
N TYR A 20 6.03 8.17 -0.88
CA TYR A 20 6.77 9.36 -1.30
C TYR A 20 6.04 10.05 -2.42
N TYR A 21 5.42 9.22 -3.25
CA TYR A 21 4.69 9.72 -4.37
C TYR A 21 3.65 10.71 -3.88
N THR A 22 2.84 10.30 -2.91
CA THR A 22 1.72 11.12 -2.52
C THR A 22 2.22 12.21 -1.58
N GLY A 23 3.36 11.98 -0.97
CA GLY A 23 4.04 13.02 -0.21
C GLY A 23 4.60 14.15 -1.06
N LEU A 24 5.14 13.84 -2.24
CA LEU A 24 5.76 14.87 -3.06
C LEU A 24 4.87 15.38 -4.18
N LEU A 25 3.57 15.06 -4.14
CA LEU A 25 2.70 15.44 -5.23
C LEU A 25 2.71 16.96 -5.43
N GLU A 26 2.54 17.68 -4.31
CA GLU A 26 2.67 19.14 -4.20
C GLU A 26 3.97 19.79 -4.81
N ARG A 27 5.16 19.33 -4.41
CA ARG A 27 6.42 19.91 -4.92
C ARG A 27 6.67 19.65 -6.42
N SER A 28 6.20 18.48 -6.90
CA SER A 28 6.57 17.94 -8.20
C SER A 28 6.00 18.77 -9.35
N LYS A 29 4.90 19.47 -9.07
CA LYS A 29 4.29 20.38 -10.03
C LYS A 29 5.14 21.64 -10.18
N VAL A 30 5.56 22.19 -9.03
CA VAL A 30 6.38 23.41 -8.99
C VAL A 30 7.86 23.09 -9.23
N GLN A 31 8.18 21.80 -9.40
CA GLN A 31 9.57 21.35 -9.51
C GLN A 31 9.56 19.87 -9.93
N PRO A 32 10.49 19.48 -10.83
CA PRO A 32 10.90 18.08 -10.89
C PRO A 32 11.50 17.58 -9.58
N CYS A 33 11.74 16.27 -9.50
CA CYS A 33 11.90 15.58 -8.23
C CYS A 33 12.56 14.25 -8.46
N CYS A 34 13.63 13.97 -7.73
CA CYS A 34 14.47 12.88 -8.15
C CYS A 34 15.12 12.11 -7.02
N PHE A 35 15.20 10.79 -7.17
CA PHE A 35 15.67 9.96 -6.07
C PHE A 35 15.81 8.48 -6.34
N LYS A 36 16.26 7.78 -5.31
CA LYS A 36 16.79 6.43 -5.40
C LYS A 36 16.46 5.78 -4.07
N LEU A 37 16.11 4.49 -4.11
CA LEU A 37 16.07 3.72 -2.89
C LEU A 37 17.42 3.05 -2.66
N TYR A 38 17.93 3.22 -1.45
CA TYR A 38 19.09 2.50 -0.98
C TYR A 38 18.91 1.00 -1.23
N ASN A 39 19.80 0.44 -2.04
CA ASN A 39 19.92 -1.02 -2.22
C ASN A 39 18.75 -1.69 -2.92
N ASP A 40 17.96 -0.90 -3.64
CA ASP A 40 17.15 -1.34 -4.76
C ASP A 40 17.88 -2.35 -5.64
N PRO A 41 17.39 -3.61 -5.66
CA PRO A 41 18.05 -4.60 -6.51
C PRO A 41 17.87 -4.33 -8.00
N PHE A 42 17.08 -3.34 -8.38
CA PHE A 42 16.85 -3.08 -9.80
C PHE A 42 17.48 -1.76 -10.23
N ASP A 43 18.01 -1.01 -9.26
CA ASP A 43 18.79 0.18 -9.54
C ASP A 43 17.99 1.21 -10.31
N MET A 44 16.71 1.32 -9.99
CA MET A 44 15.92 2.37 -10.59
C MET A 44 16.35 3.76 -10.11
N VAL A 45 16.50 4.69 -11.04
CA VAL A 45 16.33 6.12 -10.75
C VAL A 45 14.87 6.58 -10.92
N TYR A 46 14.36 7.40 -10.00
CA TYR A 46 12.92 7.73 -9.90
C TYR A 46 12.66 9.22 -10.07
N VAL A 47 11.68 9.59 -10.89
CA VAL A 47 11.41 11.01 -11.10
C VAL A 47 9.94 11.29 -10.87
N MET A 48 9.66 12.23 -9.98
CA MET A 48 8.33 12.84 -9.90
C MET A 48 8.31 14.16 -10.65
N MET A 49 7.40 14.26 -11.61
CA MET A 49 7.28 15.42 -12.47
C MET A 49 5.85 15.61 -12.91
N ASN A 50 5.21 16.69 -12.49
CA ASN A 50 3.90 17.02 -13.01
C ASN A 50 2.87 16.02 -12.52
N SER A 51 2.97 15.73 -11.21
CA SER A 51 2.00 14.93 -10.47
C SER A 51 2.09 13.44 -10.78
N LYS A 52 3.04 13.06 -11.64
CA LYS A 52 3.23 11.65 -11.94
C LYS A 52 4.58 11.14 -11.47
N LEU A 53 4.68 9.82 -11.30
CA LEU A 53 5.96 9.18 -10.94
C LEU A 53 6.45 8.31 -12.08
N PHE A 54 7.66 8.58 -12.56
CA PHE A 54 8.26 7.78 -13.63
C PHE A 54 9.50 7.10 -13.09
N SER A 55 9.95 6.06 -13.77
CA SER A 55 11.19 5.40 -13.40
C SER A 55 12.03 4.99 -14.60
N HIS A 56 13.30 4.69 -14.35
CA HIS A 56 14.11 3.94 -15.30
C HIS A 56 15.27 3.28 -14.58
N VAL A 57 15.67 2.11 -15.05
CA VAL A 57 16.84 1.42 -14.51
C VAL A 57 18.11 2.19 -14.88
N TYR A 58 19.03 2.34 -13.93
CA TYR A 58 20.30 3.01 -14.21
C TYR A 58 21.12 2.27 -15.28
N ILE A 59 21.33 2.93 -16.41
CA ILE A 59 22.29 2.48 -17.42
C ILE A 59 23.50 3.47 -17.54
N LYS A 60 23.31 4.54 -18.31
CA LYS A 60 24.08 5.78 -18.15
C LYS A 60 25.43 5.84 -18.86
N ASP A 61 25.81 4.74 -19.49
CA ASP A 61 26.70 4.76 -20.63
C ASP A 61 25.72 5.32 -21.63
N CYS A 62 24.48 4.87 -21.46
CA CYS A 62 23.37 5.21 -22.32
C CYS A 62 22.67 6.43 -21.72
N LYS A 63 22.32 7.38 -22.56
CA LYS A 63 21.56 8.53 -22.09
C LYS A 63 20.07 8.36 -22.40
N VAL A 64 19.22 8.62 -21.41
CA VAL A 64 17.88 8.06 -21.42
C VAL A 64 16.81 9.01 -21.99
N ARG A 65 16.40 8.79 -23.24
CA ARG A 65 15.29 9.54 -23.82
C ARG A 65 13.93 8.99 -23.34
N GLN A 66 13.97 7.81 -22.73
CA GLN A 66 12.77 7.02 -22.51
C GLN A 66 12.63 6.54 -21.06
N SER A 67 11.58 7.01 -20.41
CA SER A 67 11.31 6.70 -19.02
C SER A 67 9.88 6.12 -18.87
N PHE A 68 9.49 5.71 -17.67
CA PHE A 68 8.34 4.80 -17.55
C PHE A 68 7.40 5.16 -16.40
N GLU A 69 6.11 5.31 -16.72
CA GLU A 69 5.17 5.75 -15.74
C GLU A 69 4.74 4.67 -14.75
N LEU A 70 4.92 4.92 -13.46
CA LEU A 70 4.57 3.97 -12.41
C LEU A 70 3.26 4.34 -11.72
N ALA A 71 2.91 5.62 -11.73
CA ALA A 71 1.68 6.08 -11.11
C ALA A 71 1.30 7.49 -11.60
N SER A 72 0.02 7.82 -11.43
CA SER A 72 -0.44 9.18 -11.63
C SER A 72 -1.56 9.30 -10.63
N PRO A 73 -2.01 10.53 -10.37
CA PRO A 73 -2.88 10.70 -9.22
C PRO A 73 -4.08 9.75 -9.19
N LYS A 74 -4.72 9.47 -10.31
CA LYS A 74 -5.89 8.55 -10.24
C LYS A 74 -5.54 7.08 -10.41
N HIS A 75 -4.23 6.79 -10.52
CA HIS A 75 -3.78 5.50 -10.98
C HIS A 75 -2.59 5.04 -10.18
N THR A 76 -2.87 4.80 -8.91
CA THR A 76 -1.91 4.27 -7.98
C THR A 76 -2.08 2.78 -7.82
N GLU A 77 -3.11 2.20 -8.44
CA GLU A 77 -3.45 0.79 -8.18
C GLU A 77 -2.37 -0.19 -8.64
N GLY A 78 -1.76 0.10 -9.78
CA GLY A 78 -0.57 -0.61 -10.23
C GLY A 78 0.39 -0.87 -9.09
N LEU A 79 0.68 0.15 -8.29
CA LEU A 79 1.65 0.00 -7.22
C LEU A 79 1.07 -0.77 -6.01
N ILE A 80 -0.16 -0.44 -5.64
CA ILE A 80 -0.82 -1.14 -4.54
C ILE A 80 -0.91 -2.64 -4.84
N ARG A 81 -0.96 -2.98 -6.13
CA ARG A 81 -1.23 -4.35 -6.49
C ARG A 81 0.01 -5.19 -6.34
N SER A 82 1.14 -4.53 -6.51
CA SER A 82 2.44 -5.07 -6.28
C SER A 82 2.71 -5.27 -4.80
N ILE A 83 2.07 -4.45 -3.95
CA ILE A 83 2.14 -4.78 -2.54
C ILE A 83 1.40 -6.11 -2.28
N GLU A 84 0.15 -6.20 -2.72
CA GLU A 84 -0.62 -7.43 -2.50
C GLU A 84 0.03 -8.66 -3.13
N GLY A 85 0.34 -8.53 -4.41
CA GLY A 85 1.08 -9.58 -5.12
C GLY A 85 2.46 -9.91 -4.58
N HIS A 86 3.07 -9.00 -3.84
CA HIS A 86 4.27 -9.40 -3.14
C HIS A 86 3.95 -10.50 -2.14
N TYR A 87 2.99 -10.26 -1.27
CA TYR A 87 2.62 -11.27 -0.27
C TYR A 87 1.90 -12.50 -0.82
N VAL A 88 1.07 -12.33 -1.81
CA VAL A 88 0.09 -13.39 -2.05
C VAL A 88 0.03 -13.80 -3.54
N GLY A 89 0.72 -13.06 -4.40
CA GLY A 89 0.80 -13.42 -5.80
C GLY A 89 -0.49 -13.16 -6.53
N TYR A 90 -0.68 -13.82 -7.67
CA TYR A 90 -1.77 -13.46 -8.56
C TYR A 90 -2.64 -14.66 -8.88
N GLU A 91 -3.95 -14.47 -8.82
CA GLU A 91 -4.88 -15.58 -9.01
C GLU A 91 -5.27 -15.63 -10.47
N LEU A 92 -4.94 -16.74 -11.12
CA LEU A 92 -5.16 -16.90 -12.56
C LEU A 92 -6.51 -17.51 -12.84
N HIS A 93 -6.92 -17.44 -14.10
CA HIS A 93 -8.25 -17.92 -14.50
C HIS A 93 -8.44 -19.43 -14.35
N ASP A 94 -7.34 -20.18 -14.13
CA ASP A 94 -7.41 -21.62 -13.83
C ASP A 94 -7.39 -21.94 -12.34
N GLY A 95 -7.66 -20.94 -11.50
CA GLY A 95 -7.70 -21.16 -10.07
C GLY A 95 -6.32 -21.32 -9.45
N LYS A 96 -5.28 -21.43 -10.27
CA LYS A 96 -3.91 -21.43 -9.74
C LYS A 96 -3.44 -20.03 -9.29
N GLN A 97 -2.42 -20.01 -8.45
CA GLN A 97 -1.88 -18.80 -7.83
C GLN A 97 -0.44 -18.61 -8.30
N LEU A 98 -0.12 -17.44 -8.84
CA LEU A 98 1.21 -17.19 -9.39
C LEU A 98 1.94 -16.12 -8.60
N SER A 99 3.20 -16.35 -8.32
CA SER A 99 3.97 -15.31 -7.64
C SER A 99 4.40 -14.13 -8.52
N ILE A 100 4.73 -13.03 -7.84
CA ILE A 100 4.98 -11.78 -8.51
C ILE A 100 6.15 -11.98 -9.46
N SER A 101 7.18 -12.70 -9.03
CA SER A 101 8.31 -13.08 -9.88
C SER A 101 7.90 -13.85 -11.12
N ASP A 102 7.19 -14.95 -10.95
CA ASP A 102 6.69 -15.69 -12.12
C ASP A 102 5.82 -14.81 -13.00
N MET A 103 5.00 -13.95 -12.39
CA MET A 103 4.21 -13.00 -13.17
C MET A 103 5.09 -12.03 -13.95
N MET A 104 6.17 -11.56 -13.33
CA MET A 104 7.07 -10.71 -14.07
C MET A 104 7.78 -11.53 -15.16
N ALA A 105 8.27 -12.70 -14.79
CA ALA A 105 8.91 -13.58 -15.75
C ALA A 105 8.05 -13.72 -16.98
N SER A 106 6.76 -14.04 -16.74
CA SER A 106 5.85 -14.41 -17.80
C SER A 106 5.64 -13.24 -18.75
N GLN A 107 5.43 -12.05 -18.19
CA GLN A 107 5.32 -10.85 -19.02
C GLN A 107 6.58 -10.56 -19.81
N LEU A 108 7.75 -10.85 -19.23
CA LEU A 108 9.01 -10.46 -19.88
C LEU A 108 9.38 -11.47 -20.98
N PHE A 109 9.28 -12.77 -20.68
CA PHE A 109 9.89 -13.83 -21.49
C PHE A 109 8.87 -14.67 -22.25
N GLU A 110 7.63 -14.67 -21.79
CA GLU A 110 6.67 -15.65 -22.26
C GLU A 110 5.55 -14.96 -23.05
N ASP A 111 5.88 -13.83 -23.67
CA ASP A 111 4.86 -13.04 -24.37
C ASP A 111 5.36 -12.54 -25.73
N GLU A 112 4.80 -13.14 -26.79
CA GLU A 112 5.24 -12.94 -28.16
C GLU A 112 4.76 -11.63 -28.77
N TYR A 113 3.66 -11.06 -28.26
CA TYR A 113 3.23 -9.74 -28.74
C TYR A 113 4.26 -8.72 -28.28
N PHE A 114 4.71 -8.89 -27.06
CA PHE A 114 5.83 -8.11 -26.54
C PHE A 114 7.06 -8.14 -27.44
N MET A 115 7.46 -9.34 -27.88
CA MET A 115 8.67 -9.47 -28.67
C MET A 115 8.56 -8.77 -30.01
N TYR A 116 7.46 -9.03 -30.73
CA TYR A 116 7.35 -8.48 -32.08
C TYR A 116 7.43 -6.96 -31.98
N GLY A 117 6.75 -6.41 -30.97
CA GLY A 117 6.72 -4.97 -30.75
C GLY A 117 8.11 -4.42 -30.54
N LEU A 118 9.02 -5.28 -30.10
CA LEU A 118 10.37 -4.84 -29.84
C LEU A 118 11.15 -4.79 -31.15
N GLN A 119 10.91 -5.79 -32.02
CA GLN A 119 11.25 -5.75 -33.46
C GLN A 119 10.91 -4.41 -34.11
N THR A 120 9.69 -3.94 -33.87
CA THR A 120 9.19 -2.69 -34.44
C THR A 120 9.91 -1.44 -33.97
N TYR A 121 10.56 -1.56 -32.82
CA TYR A 121 11.12 -0.39 -32.13
C TYR A 121 12.53 -0.12 -32.64
N GLN A 146 -4.46 3.36 -35.11
CA GLN A 146 -5.48 2.87 -34.20
C GLN A 146 -4.93 1.87 -33.19
N SER A 147 -5.82 1.05 -32.62
CA SER A 147 -5.52 0.33 -31.38
C SER A 147 -4.74 -0.96 -31.64
N SER A 148 -4.19 -1.54 -30.57
CA SER A 148 -3.69 -2.93 -30.55
C SER A 148 -3.66 -3.44 -29.10
N ASN A 149 -3.47 -4.75 -28.90
CA ASN A 149 -3.65 -5.34 -27.56
C ASN A 149 -2.81 -4.68 -26.38
N THR A 150 -1.47 -4.62 -26.51
CA THR A 150 -0.64 -3.84 -25.56
C THR A 150 0.62 -3.23 -26.20
N ASP A 151 0.78 -1.93 -26.07
CA ASP A 151 1.91 -1.24 -26.71
C ASP A 151 3.20 -1.52 -25.92
N VAL A 152 4.35 -1.32 -26.55
CA VAL A 152 5.60 -1.78 -25.94
C VAL A 152 5.94 -1.04 -24.64
N ILE A 153 5.60 0.24 -24.58
CA ILE A 153 5.94 1.02 -23.40
C ILE A 153 5.03 0.62 -22.25
N ALA A 154 3.76 0.32 -22.57
CA ALA A 154 2.80 -0.14 -21.57
C ALA A 154 3.28 -1.44 -20.96
N ASN A 155 3.93 -2.26 -21.76
CA ASN A 155 4.40 -3.55 -21.29
C ASN A 155 5.50 -3.40 -20.29
N ILE A 156 6.42 -2.50 -20.62
CA ILE A 156 7.60 -2.33 -19.81
C ILE A 156 7.20 -1.62 -18.54
N GLU A 157 6.13 -0.82 -18.60
CA GLU A 157 5.66 -0.17 -17.38
C GLU A 157 5.07 -1.16 -16.39
N MET A 158 4.32 -2.12 -16.88
CA MET A 158 3.83 -3.19 -16.01
C MET A 158 4.98 -3.95 -15.40
N LEU A 159 6.00 -4.21 -16.22
CA LEU A 159 7.19 -4.89 -15.79
C LEU A 159 7.87 -4.09 -14.67
N TYR A 160 8.01 -2.78 -14.86
CA TYR A 160 8.59 -1.95 -13.81
C TYR A 160 7.74 -1.96 -12.55
N GLN A 161 6.42 -1.80 -12.72
CA GLN A 161 5.50 -1.88 -11.58
C GLN A 161 5.61 -3.18 -10.80
N LEU A 162 5.52 -4.33 -11.49
CA LEU A 162 5.79 -5.64 -10.88
C LEU A 162 7.15 -5.68 -10.14
N ALA A 163 8.19 -5.13 -10.78
CA ALA A 163 9.56 -5.15 -10.24
C ALA A 163 9.61 -4.60 -8.84
N THR A 164 8.93 -3.47 -8.62
CA THR A 164 8.95 -2.82 -7.32
C THR A 164 8.35 -3.65 -6.20
N GLY A 165 7.60 -4.71 -6.54
CA GLY A 165 7.14 -5.65 -5.51
C GLY A 165 8.02 -6.88 -5.27
N ILE A 166 9.04 -7.11 -6.09
CA ILE A 166 9.95 -8.24 -5.84
C ILE A 166 11.12 -7.92 -4.88
N ASN A 167 11.12 -8.64 -3.76
CA ASN A 167 12.24 -8.72 -2.84
C ASN A 167 13.18 -9.88 -3.21
N GLU A 168 14.48 -9.61 -3.08
CA GLU A 168 15.58 -10.41 -3.66
C GLU A 168 15.33 -11.06 -5.01
N PRO A 169 15.20 -10.24 -6.06
CA PRO A 169 15.01 -10.71 -7.42
C PRO A 169 16.15 -11.56 -7.95
N VAL A 170 15.76 -12.74 -8.44
CA VAL A 170 16.62 -13.64 -9.16
C VAL A 170 17.14 -12.92 -10.40
N PRO A 171 18.40 -13.18 -10.72
CA PRO A 171 19.21 -12.35 -11.63
C PRO A 171 18.58 -12.11 -13.00
N GLU A 172 17.98 -13.15 -13.57
CA GLU A 172 17.34 -13.05 -14.90
C GLU A 172 16.33 -11.88 -14.98
N LEU A 173 15.64 -11.62 -13.87
CA LEU A 173 14.74 -10.48 -13.78
C LEU A 173 15.44 -9.15 -13.76
N VAL A 174 16.47 -9.00 -12.94
CA VAL A 174 17.27 -7.79 -13.00
C VAL A 174 17.85 -7.63 -14.39
N GLU A 175 18.57 -8.64 -14.86
CA GLU A 175 19.12 -8.60 -16.22
C GLU A 175 18.09 -8.24 -17.29
N GLY A 176 17.09 -9.10 -17.48
CA GLY A 176 16.01 -8.85 -18.46
C GLY A 176 15.46 -7.44 -18.45
N LEU A 177 15.08 -6.95 -17.29
CA LEU A 177 14.62 -5.58 -17.22
C LEU A 177 15.70 -4.57 -17.65
N LYS A 178 16.96 -4.79 -17.29
CA LYS A 178 17.96 -3.79 -17.68
C LYS A 178 18.17 -3.78 -19.20
N LEU A 179 18.26 -4.99 -19.78
CA LEU A 179 18.36 -5.15 -21.22
C LEU A 179 17.26 -4.42 -21.98
N VAL A 180 16.02 -4.89 -21.80
CA VAL A 180 14.87 -4.37 -22.52
C VAL A 180 14.82 -2.86 -22.37
N THR A 181 15.30 -2.36 -21.23
CA THR A 181 15.25 -0.93 -20.94
C THR A 181 16.25 -0.16 -21.79
N GLU A 182 17.47 -0.68 -21.85
CA GLU A 182 18.53 -0.05 -22.61
C GLU A 182 18.26 -0.15 -24.12
N PHE A 183 17.78 -1.30 -24.57
CA PHE A 183 17.24 -1.42 -25.93
C PHE A 183 16.33 -0.27 -26.36
N VAL A 184 15.38 0.13 -25.52
CA VAL A 184 14.34 1.05 -25.98
C VAL A 184 14.82 2.50 -26.19
N GLN A 185 15.87 2.92 -25.47
CA GLN A 185 16.63 4.11 -25.87
C GLN A 185 17.45 3.77 -27.14
N ASP A 186 16.76 3.68 -28.29
CA ASP A 186 17.29 2.86 -29.38
C ASP A 186 18.41 3.55 -30.16
N GLU A 187 18.31 4.87 -30.27
CA GLU A 187 19.19 5.64 -31.18
C GLU A 187 19.10 5.09 -32.60
N ASN A 188 17.89 4.70 -33.00
CA ASN A 188 17.65 4.03 -34.28
C ASN A 188 18.35 2.67 -34.37
N ALA A 189 18.27 1.87 -33.29
CA ALA A 189 18.94 0.56 -33.23
C ALA A 189 18.57 -0.37 -34.38
N THR A 190 19.51 -1.29 -34.69
CA THR A 190 19.43 -1.99 -35.98
C THR A 190 18.89 -3.41 -35.83
N GLN A 191 18.51 -4.02 -36.95
CA GLN A 191 17.98 -5.37 -36.96
C GLN A 191 18.89 -6.27 -36.14
N GLU A 192 20.17 -5.91 -36.14
CA GLU A 192 21.21 -6.68 -35.48
C GLU A 192 21.08 -6.57 -33.97
N ASP A 193 20.82 -5.35 -33.50
CA ASP A 193 20.61 -5.09 -32.07
C ASP A 193 19.41 -5.84 -31.49
N TYR A 194 18.27 -5.80 -32.17
CA TYR A 194 17.16 -6.67 -31.78
C TYR A 194 17.57 -8.13 -31.57
N LYS A 195 18.31 -8.67 -32.53
CA LYS A 195 18.62 -10.10 -32.52
C LYS A 195 19.62 -10.41 -31.40
N ALA A 196 20.43 -9.43 -31.04
CA ALA A 196 21.29 -9.53 -29.85
C ALA A 196 20.46 -9.58 -28.58
N LEU A 197 19.48 -8.69 -28.49
CA LEU A 197 18.56 -8.69 -27.36
C LEU A 197 17.89 -10.05 -27.24
N GLU A 198 17.26 -10.48 -28.33
CA GLU A 198 16.39 -11.64 -28.30
C GLU A 198 17.11 -12.88 -27.81
N ARG A 199 18.31 -13.13 -28.32
CA ARG A 199 19.02 -14.34 -27.96
C ARG A 199 19.27 -14.33 -26.45
N LYS A 200 19.66 -13.17 -25.92
CA LYS A 200 19.90 -13.06 -24.48
C LYS A 200 18.63 -13.27 -23.67
N LEU A 201 17.59 -12.51 -23.98
CA LEU A 201 16.30 -12.72 -23.32
C LEU A 201 15.99 -14.21 -23.33
N ASN A 202 16.15 -14.82 -24.50
CA ASN A 202 15.89 -16.25 -24.65
C ASN A 202 16.85 -17.10 -23.82
N ASP A 203 18.10 -16.67 -23.65
CA ASP A 203 18.99 -17.33 -22.69
C ASP A 203 18.44 -17.21 -21.27
N LEU A 204 18.15 -15.98 -20.87
CA LEU A 204 17.67 -15.67 -19.53
C LEU A 204 16.40 -16.45 -19.22
N LYS A 205 15.45 -16.40 -20.16
CA LYS A 205 14.32 -17.31 -20.14
C LYS A 205 14.70 -18.73 -19.69
N ALA A 206 15.54 -19.41 -20.47
CA ALA A 206 15.94 -20.82 -20.21
C ALA A 206 16.56 -21.06 -18.84
N SER A 207 17.38 -20.12 -18.39
CA SER A 207 17.85 -20.15 -17.02
C SER A 207 16.72 -19.97 -16.00
N TYR A 208 15.84 -18.99 -16.23
CA TYR A 208 14.79 -18.72 -15.26
C TYR A 208 13.89 -19.93 -15.11
N TYR A 209 13.61 -20.61 -16.21
CA TYR A 209 12.59 -21.65 -16.21
C TYR A 209 13.13 -23.07 -15.99
N SER A 210 14.45 -23.18 -15.80
CA SER A 210 15.17 -24.45 -15.94
C SER A 210 14.66 -25.28 -17.12
N LEU A 211 14.38 -24.61 -18.23
CA LEU A 211 14.33 -25.25 -19.53
C LEU A 211 15.62 -26.05 -19.76
N SER A 212 15.44 -27.28 -20.19
CA SER A 212 16.45 -27.97 -20.96
C SER A 212 16.38 -27.49 -22.41
N LYS A 213 17.11 -26.43 -22.74
CA LYS A 213 17.40 -26.03 -24.13
C LYS A 213 16.18 -25.81 -25.02
N LEU A 214 16.24 -26.29 -26.26
CA LEU A 214 15.01 -26.44 -27.06
C LEU A 214 14.10 -25.21 -26.97
N ILE B 3 -23.67 10.63 -0.30
CA ILE B 3 -22.78 9.50 0.13
C ILE B 3 -22.67 8.34 -0.90
N GLU B 4 -21.80 8.49 -1.89
CA GLU B 4 -21.40 7.34 -2.70
C GLU B 4 -20.91 6.22 -1.79
N THR B 5 -21.47 5.03 -1.97
CA THR B 5 -20.84 3.81 -1.53
C THR B 5 -20.00 3.32 -2.68
N ILE B 6 -18.70 3.10 -2.46
CA ILE B 6 -17.88 2.61 -3.52
C ILE B 6 -17.51 1.16 -3.27
N VAL B 7 -17.21 0.44 -4.35
CA VAL B 7 -16.97 -1.00 -4.31
C VAL B 7 -15.47 -1.32 -4.17
N ASN B 8 -15.15 -2.32 -3.37
CA ASN B 8 -13.77 -2.72 -3.07
C ASN B 8 -12.99 -3.20 -4.28
N GLU B 9 -11.82 -2.61 -4.50
CA GLU B 9 -10.97 -3.01 -5.63
C GLU B 9 -9.69 -3.77 -5.21
N PHE B 10 -9.51 -4.02 -3.92
CA PHE B 10 -8.34 -4.75 -3.49
C PHE B 10 -8.69 -5.71 -2.41
N GLU B 11 -7.77 -6.57 -2.08
CA GLU B 11 -7.96 -7.48 -0.99
C GLU B 11 -8.10 -6.75 0.34
N THR B 12 -7.52 -5.55 0.48
CA THR B 12 -7.69 -4.78 1.72
C THR B 12 -8.46 -3.49 1.48
N ARG B 13 -9.27 -3.11 2.46
CA ARG B 13 -9.87 -1.78 2.46
C ARG B 13 -8.81 -0.69 2.49
N ALA B 14 -7.70 -0.94 3.20
CA ALA B 14 -6.62 0.05 3.30
C ALA B 14 -6.15 0.40 1.91
N GLY B 15 -5.96 -0.60 1.05
CA GLY B 15 -5.66 -0.36 -0.37
C GLY B 15 -6.67 0.44 -1.21
N THR B 16 -7.97 0.12 -1.11
CA THR B 16 -8.99 0.83 -1.85
C THR B 16 -8.98 2.25 -1.33
N LEU B 17 -8.83 2.41 -0.03
CA LEU B 17 -8.75 3.74 0.58
C LEU B 17 -7.51 4.54 0.13
N LEU B 18 -6.35 3.89 0.02
CA LEU B 18 -5.14 4.58 -0.43
C LEU B 18 -5.34 5.07 -1.85
N ARG B 19 -5.98 4.24 -2.68
CA ARG B 19 -6.18 4.62 -4.07
C ARG B 19 -7.15 5.79 -4.26
N TYR B 20 -8.19 5.82 -3.46
CA TYR B 20 -9.13 6.92 -3.63
C TYR B 20 -8.53 8.14 -2.99
N TYR B 21 -7.74 7.96 -1.94
CA TYR B 21 -7.19 9.10 -1.25
C TYR B 21 -6.32 9.92 -2.17
N THR B 22 -5.42 9.26 -2.88
CA THR B 22 -4.66 9.96 -3.87
C THR B 22 -5.58 10.42 -4.99
N GLY B 23 -6.45 9.53 -5.45
CA GLY B 23 -7.44 9.91 -6.45
C GLY B 23 -8.13 11.24 -6.18
N LEU B 24 -8.60 11.44 -4.95
CA LEU B 24 -9.51 12.55 -4.65
C LEU B 24 -8.82 13.74 -4.01
N LEU B 25 -7.49 13.66 -3.90
CA LEU B 25 -6.70 14.59 -3.10
C LEU B 25 -6.85 16.06 -3.55
N GLU B 26 -6.49 16.32 -4.80
CA GLU B 26 -6.77 17.59 -5.46
C GLU B 26 -8.26 18.03 -5.33
N ARG B 27 -9.17 17.31 -6.00
CA ARG B 27 -10.61 17.59 -5.83
C ARG B 27 -11.02 17.97 -4.39
N SER B 28 -10.30 17.46 -3.38
CA SER B 28 -10.74 17.58 -1.98
C SER B 28 -10.40 18.92 -1.34
N LYS B 29 -9.38 19.59 -1.89
CA LYS B 29 -9.02 20.93 -1.42
C LYS B 29 -10.12 21.98 -1.71
N VAL B 30 -10.83 21.82 -2.83
CA VAL B 30 -11.95 22.72 -3.15
C VAL B 30 -13.32 22.15 -2.76
N GLN B 31 -13.40 20.83 -2.65
CA GLN B 31 -14.70 20.17 -2.47
C GLN B 31 -14.55 18.88 -1.64
N PRO B 32 -15.07 18.88 -0.41
CA PRO B 32 -15.17 17.68 0.43
C PRO B 32 -15.93 16.52 -0.24
N CYS B 33 -15.32 15.35 -0.26
CA CYS B 33 -15.95 14.13 -0.74
C CYS B 33 -16.24 13.26 0.44
N CYS B 34 -17.14 12.33 0.24
CA CYS B 34 -17.72 11.64 1.37
C CYS B 34 -18.25 10.30 0.88
N PHE B 35 -17.82 9.22 1.51
CA PHE B 35 -18.21 7.92 0.99
C PHE B 35 -18.26 6.82 2.03
N LYS B 36 -18.74 5.66 1.59
CA LYS B 36 -18.68 4.44 2.35
C LYS B 36 -18.08 3.38 1.44
N LEU B 37 -17.50 2.35 2.06
CA LEU B 37 -17.17 1.11 1.36
C LEU B 37 -18.28 0.09 1.45
N TYR B 38 -18.50 -0.62 0.36
CA TYR B 38 -19.50 -1.65 0.40
C TYR B 38 -19.13 -2.85 1.28
N ASN B 39 -19.99 -3.15 2.25
CA ASN B 39 -19.82 -4.27 3.18
C ASN B 39 -18.53 -4.13 4.01
N ASP B 40 -18.30 -2.92 4.49
CA ASP B 40 -17.24 -2.59 5.42
C ASP B 40 -17.64 -3.17 6.75
N PRO B 41 -16.87 -4.15 7.26
CA PRO B 41 -17.38 -4.74 8.48
C PRO B 41 -17.36 -3.75 9.65
N PHE B 42 -16.77 -2.56 9.47
CA PHE B 42 -16.58 -1.64 10.57
C PHE B 42 -17.44 -0.45 10.31
N ASP B 43 -18.01 -0.41 9.11
CA ASP B 43 -19.11 0.46 8.80
C ASP B 43 -18.73 1.93 8.94
N MET B 44 -17.64 2.32 8.31
CA MET B 44 -17.10 3.64 8.56
C MET B 44 -17.70 4.60 7.57
N VAL B 45 -17.85 5.85 7.98
CA VAL B 45 -18.07 6.95 7.06
C VAL B 45 -16.75 7.67 6.78
N TYR B 46 -16.38 7.78 5.51
CA TYR B 46 -15.08 8.39 5.17
C TYR B 46 -15.26 9.76 4.54
N VAL B 47 -14.44 10.70 4.98
CA VAL B 47 -14.51 12.05 4.45
C VAL B 47 -13.13 12.47 3.98
N MET B 48 -13.08 13.02 2.77
CA MET B 48 -11.89 13.65 2.24
C MET B 48 -12.11 15.13 2.30
N MET B 49 -11.39 15.82 3.14
CA MET B 49 -11.56 17.24 3.19
C MET B 49 -10.19 17.90 3.28
N ASN B 50 -9.90 18.80 2.37
CA ASN B 50 -8.71 19.63 2.48
C ASN B 50 -7.51 18.76 2.46
N SER B 51 -7.46 17.85 1.49
CA SER B 51 -6.36 16.88 1.35
C SER B 51 -6.15 15.85 2.49
N LYS B 52 -7.11 15.73 3.42
CA LYS B 52 -6.99 14.73 4.48
C LYS B 52 -8.14 13.71 4.44
N LEU B 53 -7.88 12.49 4.90
CA LEU B 53 -8.92 11.46 4.96
C LEU B 53 -9.28 11.28 6.41
N PHE B 54 -10.59 11.25 6.71
CA PHE B 54 -11.08 11.05 8.08
C PHE B 54 -12.07 9.92 8.05
N SER B 55 -12.34 9.35 9.22
CA SER B 55 -13.18 8.19 9.31
C SER B 55 -13.78 8.09 10.71
N HIS B 56 -15.01 7.60 10.77
CA HIS B 56 -15.63 7.28 12.06
C HIS B 56 -16.62 6.17 11.81
N VAL B 57 -16.62 5.18 12.69
CA VAL B 57 -17.63 4.15 12.57
C VAL B 57 -18.96 4.84 12.80
N TYR B 58 -19.99 4.31 12.17
CA TYR B 58 -21.24 4.99 12.18
C TYR B 58 -21.98 4.61 13.47
N ILE B 59 -22.40 5.61 14.23
CA ILE B 59 -23.22 5.39 15.42
C ILE B 59 -24.62 5.99 15.26
N LYS B 60 -25.64 5.15 15.42
CA LYS B 60 -27.02 5.51 15.08
C LYS B 60 -27.62 6.51 16.08
N ASP B 61 -27.57 6.14 17.37
CA ASP B 61 -28.09 6.99 18.46
C ASP B 61 -27.39 8.34 18.48
N CYS B 62 -26.12 8.33 18.10
CA CYS B 62 -25.18 9.34 18.55
C CYS B 62 -24.84 10.33 17.44
N LYS B 63 -24.96 11.62 17.73
CA LYS B 63 -24.46 12.67 16.86
C LYS B 63 -22.93 12.70 16.87
N VAL B 64 -22.31 12.62 15.68
CA VAL B 64 -20.86 12.64 15.58
C VAL B 64 -20.36 14.05 15.34
N ARG B 65 -19.57 14.57 16.27
CA ARG B 65 -18.95 15.89 16.14
C ARG B 65 -17.46 15.79 15.96
N GLN B 66 -16.99 14.56 15.79
CA GLN B 66 -15.56 14.25 15.88
C GLN B 66 -15.25 13.04 14.99
N SER B 67 -14.48 13.25 13.94
CA SER B 67 -13.93 12.14 13.16
C SER B 67 -12.43 11.93 13.43
N PHE B 68 -11.82 10.96 12.75
CA PHE B 68 -10.43 10.59 13.03
C PHE B 68 -9.62 10.50 11.75
N GLU B 69 -8.48 11.18 11.75
CA GLU B 69 -7.61 11.24 10.61
C GLU B 69 -7.02 9.89 10.24
N LEU B 70 -7.23 9.46 9.00
CA LEU B 70 -6.60 8.24 8.48
C LEU B 70 -5.31 8.52 7.77
N ALA B 71 -5.22 9.71 7.16
CA ALA B 71 -4.14 10.01 6.23
C ALA B 71 -3.97 11.51 5.99
N SER B 72 -2.72 11.96 5.88
CA SER B 72 -2.45 13.24 5.24
C SER B 72 -1.42 13.05 4.14
N PRO B 73 -1.27 14.03 3.24
CA PRO B 73 -0.35 13.94 2.11
C PRO B 73 1.02 13.36 2.44
N LYS B 74 1.60 13.75 3.57
CA LYS B 74 2.97 13.32 3.88
C LYS B 74 2.92 12.16 4.85
N HIS B 75 1.71 11.71 5.14
CA HIS B 75 1.52 10.65 6.13
C HIS B 75 0.50 9.65 5.62
N THR B 76 0.97 8.82 4.68
CA THR B 76 0.18 7.71 4.20
C THR B 76 0.66 6.40 4.81
N GLU B 77 1.78 6.43 5.53
CA GLU B 77 2.35 5.22 6.07
C GLU B 77 1.39 4.44 6.98
N GLY B 78 0.50 5.12 7.68
CA GLY B 78 -0.60 4.41 8.35
C GLY B 78 -1.37 3.48 7.43
N LEU B 79 -1.96 4.01 6.36
CA LEU B 79 -2.70 3.16 5.42
C LEU B 79 -1.82 2.01 4.84
N ILE B 80 -0.59 2.36 4.45
CA ILE B 80 0.32 1.44 3.76
C ILE B 80 0.72 0.31 4.71
N ARG B 81 0.81 0.64 5.98
CA ARG B 81 1.29 -0.30 6.96
C ARG B 81 0.24 -1.30 7.33
N SER B 82 -1.05 -0.90 7.29
CA SER B 82 -2.13 -1.85 7.40
C SER B 82 -2.19 -2.78 6.20
N ILE B 83 -1.60 -2.37 5.09
CA ILE B 83 -1.65 -3.25 3.92
C ILE B 83 -0.65 -4.38 4.11
N GLU B 84 0.60 -4.01 4.37
CA GLU B 84 1.61 -4.97 4.78
C GLU B 84 1.19 -5.77 6.03
N GLY B 85 0.67 -5.06 7.03
CA GLY B 85 0.35 -5.71 8.27
C GLY B 85 -0.72 -6.77 8.09
N HIS B 86 -1.63 -6.53 7.17
CA HIS B 86 -2.74 -7.44 6.92
C HIS B 86 -2.22 -8.80 6.47
N TYR B 87 -1.04 -8.82 5.85
CA TYR B 87 -0.47 -10.07 5.32
C TYR B 87 0.49 -10.70 6.31
N VAL B 88 1.29 -9.88 6.98
CA VAL B 88 2.32 -10.44 7.81
C VAL B 88 2.32 -9.87 9.22
N GLY B 89 1.26 -9.22 9.64
CA GLY B 89 1.21 -8.65 10.98
C GLY B 89 2.43 -7.80 11.33
N TYR B 90 2.83 -7.81 12.59
CA TYR B 90 3.63 -6.72 13.14
C TYR B 90 4.64 -7.28 14.10
N GLU B 91 5.90 -6.92 13.92
CA GLU B 91 6.87 -7.28 14.93
C GLU B 91 7.14 -6.13 15.87
N LEU B 92 6.82 -6.32 17.15
CA LEU B 92 7.22 -5.37 18.19
C LEU B 92 8.73 -5.42 18.50
N HIS B 93 9.28 -4.29 18.89
CA HIS B 93 10.74 -4.10 18.88
C HIS B 93 11.44 -5.01 19.88
N ASP B 94 10.98 -5.02 21.13
CA ASP B 94 11.15 -6.23 21.97
C ASP B 94 10.54 -7.39 21.22
N GLY B 95 11.37 -8.41 20.94
CA GLY B 95 10.92 -9.47 20.02
C GLY B 95 9.51 -9.93 20.32
N LYS B 96 8.66 -9.93 19.29
CA LYS B 96 7.39 -10.68 19.26
C LYS B 96 6.69 -10.43 17.92
N GLN B 97 5.66 -11.21 17.62
CA GLN B 97 4.91 -11.00 16.39
C GLN B 97 3.39 -11.06 16.56
N LEU B 98 2.72 -10.01 16.09
CA LEU B 98 1.27 -9.88 16.24
C LEU B 98 0.61 -9.74 14.86
N SER B 99 -0.40 -10.58 14.62
CA SER B 99 -1.32 -10.35 13.53
C SER B 99 -2.02 -9.01 13.71
N ILE B 100 -2.65 -8.53 12.64
CA ILE B 100 -3.20 -7.20 12.68
C ILE B 100 -4.36 -7.14 13.69
N SER B 101 -5.09 -8.24 13.84
CA SER B 101 -6.17 -8.26 14.83
C SER B 101 -5.67 -8.16 16.26
N ASP B 102 -4.68 -8.98 16.61
CA ASP B 102 -4.09 -8.87 17.94
C ASP B 102 -3.39 -7.53 18.14
N MET B 103 -2.80 -7.00 17.08
CA MET B 103 -2.25 -5.68 17.17
C MET B 103 -3.31 -4.69 17.59
N MET B 104 -4.50 -4.81 17.00
CA MET B 104 -5.56 -3.85 17.30
C MET B 104 -6.13 -4.12 18.69
N ALA B 105 -6.33 -5.40 19.01
CA ALA B 105 -6.81 -5.82 20.33
C ALA B 105 -5.89 -5.34 21.45
N SER B 106 -4.60 -5.44 21.20
CA SER B 106 -3.58 -4.87 22.09
C SER B 106 -3.80 -3.41 22.33
N GLN B 107 -3.83 -2.62 21.26
CA GLN B 107 -3.99 -1.18 21.39
C GLN B 107 -5.28 -0.79 22.08
N LEU B 108 -6.31 -1.61 21.90
CA LEU B 108 -7.63 -1.33 22.41
C LEU B 108 -7.77 -1.79 23.86
N PHE B 109 -7.22 -2.95 24.19
CA PHE B 109 -7.50 -3.59 25.46
C PHE B 109 -6.33 -3.71 26.41
N GLU B 110 -5.11 -3.61 25.90
CA GLU B 110 -3.93 -3.70 26.76
C GLU B 110 -3.09 -2.42 26.80
N ASP B 111 -3.72 -1.26 26.62
CA ASP B 111 -2.98 -0.02 26.75
C ASP B 111 -3.51 0.72 27.95
N GLU B 112 -2.74 0.69 29.03
CA GLU B 112 -3.11 1.45 30.21
C GLU B 112 -2.92 2.96 30.01
N TYR B 113 -2.00 3.38 29.14
CA TYR B 113 -1.87 4.79 28.83
C TYR B 113 -3.14 5.29 28.14
N PHE B 114 -3.62 4.50 27.20
CA PHE B 114 -4.89 4.76 26.56
C PHE B 114 -6.05 4.84 27.55
N MET B 115 -6.13 3.87 28.46
CA MET B 115 -7.18 3.89 29.48
C MET B 115 -7.11 5.17 30.28
N TYR B 116 -5.89 5.52 30.69
CA TYR B 116 -5.68 6.66 31.57
C TYR B 116 -6.20 7.89 30.89
N GLY B 117 -5.94 8.01 29.59
CA GLY B 117 -6.36 9.16 28.80
C GLY B 117 -7.86 9.23 28.60
N LEU B 118 -8.49 8.06 28.52
CA LEU B 118 -9.94 8.00 28.48
C LEU B 118 -10.58 8.45 29.78
N GLN B 119 -10.09 7.93 30.90
CA GLN B 119 -10.40 8.47 32.22
C GLN B 119 -10.45 9.98 32.18
N THR B 120 -9.26 10.53 31.93
CA THR B 120 -8.98 11.95 31.92
C THR B 120 -9.80 12.75 30.90
N TYR B 121 -10.35 12.06 29.92
CA TYR B 121 -11.14 12.74 28.92
C TYR B 121 -12.35 13.38 29.57
N ALA B 122 -13.02 12.64 30.45
CA ALA B 122 -14.10 13.23 31.20
C ALA B 122 -14.14 12.78 32.67
N SER B 147 5.38 4.70 20.16
CA SER B 147 5.57 4.62 21.61
C SER B 147 4.25 4.77 22.40
N SER B 148 4.39 4.92 23.71
CA SER B 148 3.26 5.03 24.63
C SER B 148 2.68 6.46 24.72
N ASN B 149 1.38 6.61 24.54
CA ASN B 149 0.87 7.92 24.09
C ASN B 149 -0.04 8.75 25.03
N THR B 150 -1.02 8.13 25.69
CA THR B 150 -1.91 8.91 26.58
C THR B 150 -2.84 9.94 25.91
N ASP B 151 -2.65 10.17 24.61
CA ASP B 151 -3.52 11.04 23.80
C ASP B 151 -4.66 10.24 23.15
N VAL B 152 -5.88 10.48 23.62
CA VAL B 152 -7.02 9.67 23.23
C VAL B 152 -7.25 9.66 21.71
N ILE B 153 -7.18 10.83 21.08
CA ILE B 153 -7.48 10.95 19.66
C ILE B 153 -6.45 10.22 18.84
N ALA B 154 -5.17 10.39 19.19
CA ALA B 154 -4.06 9.75 18.48
C ALA B 154 -4.22 8.25 18.52
N ASN B 155 -4.52 7.75 19.71
CA ASN B 155 -4.78 6.34 19.90
C ASN B 155 -5.93 5.80 19.04
N ILE B 156 -7.06 6.47 19.09
CA ILE B 156 -8.21 6.09 18.28
C ILE B 156 -7.87 6.11 16.78
N GLU B 157 -7.08 7.11 16.38
CA GLU B 157 -6.78 7.28 14.96
C GLU B 157 -6.03 6.06 14.50
N MET B 158 -5.13 5.63 15.35
CA MET B 158 -4.32 4.48 15.06
C MET B 158 -5.13 3.15 15.09
N LEU B 159 -6.03 3.00 16.05
CA LEU B 159 -7.06 1.95 15.99
C LEU B 159 -7.80 1.99 14.67
N TYR B 160 -8.24 3.16 14.24
CA TYR B 160 -8.87 3.23 12.94
C TYR B 160 -7.99 2.70 11.81
N GLN B 161 -6.69 2.97 11.85
CA GLN B 161 -5.81 2.58 10.76
C GLN B 161 -5.62 1.07 10.69
N LEU B 162 -5.36 0.45 11.84
CA LEU B 162 -5.42 -0.99 11.95
C LEU B 162 -6.72 -1.56 11.38
N ALA B 163 -7.86 -0.94 11.72
CA ALA B 163 -9.14 -1.53 11.37
C ALA B 163 -9.29 -1.71 9.86
N THR B 164 -8.69 -0.81 9.08
CA THR B 164 -8.81 -0.87 7.64
C THR B 164 -7.99 -1.98 7.02
N GLY B 165 -7.14 -2.65 7.81
CA GLY B 165 -6.43 -3.82 7.27
C GLY B 165 -6.99 -5.20 7.65
N ILE B 166 -8.10 -5.24 8.38
CA ILE B 166 -8.57 -6.47 9.00
C ILE B 166 -9.84 -6.95 8.30
N ASN B 167 -9.77 -8.12 7.66
CA ASN B 167 -10.95 -8.70 7.03
C ASN B 167 -11.66 -9.64 7.99
N GLU B 168 -12.98 -9.51 8.07
CA GLU B 168 -13.81 -10.31 8.98
C GLU B 168 -13.40 -10.21 10.45
N PRO B 169 -13.44 -9.00 11.02
CA PRO B 169 -13.06 -8.90 12.42
C PRO B 169 -14.10 -9.52 13.34
N VAL B 170 -13.60 -10.27 14.31
CA VAL B 170 -14.32 -10.71 15.50
C VAL B 170 -15.12 -9.56 16.11
N PRO B 171 -16.31 -9.85 16.67
CA PRO B 171 -17.23 -8.76 17.00
C PRO B 171 -16.64 -7.81 18.04
N GLU B 172 -15.61 -8.28 18.75
CA GLU B 172 -15.04 -7.54 19.86
C GLU B 172 -14.11 -6.40 19.41
N LEU B 173 -13.56 -6.52 18.21
CA LEU B 173 -12.91 -5.38 17.62
C LEU B 173 -13.93 -4.34 17.14
N VAL B 174 -14.91 -4.77 16.36
CA VAL B 174 -16.08 -3.94 16.03
C VAL B 174 -16.75 -3.22 17.22
N GLU B 175 -17.20 -3.96 18.23
CA GLU B 175 -17.87 -3.30 19.33
C GLU B 175 -16.87 -2.39 20.08
N GLY B 176 -15.67 -2.89 20.33
CA GLY B 176 -14.59 -2.09 20.89
C GLY B 176 -14.37 -0.73 20.26
N LEU B 177 -14.24 -0.70 18.94
CA LEU B 177 -13.97 0.56 18.25
C LEU B 177 -15.18 1.52 18.32
N LYS B 178 -16.38 0.93 18.30
CA LYS B 178 -17.59 1.70 18.36
C LYS B 178 -17.78 2.38 19.72
N LEU B 179 -17.51 1.67 20.82
CA LEU B 179 -17.68 2.24 22.16
C LEU B 179 -16.66 3.36 22.48
N VAL B 180 -15.46 3.17 21.97
CA VAL B 180 -14.45 4.17 22.14
C VAL B 180 -14.79 5.38 21.29
N THR B 181 -15.25 5.15 20.05
CA THR B 181 -15.52 6.30 19.20
C THR B 181 -16.78 7.04 19.66
N GLU B 182 -17.70 6.32 20.29
CA GLU B 182 -18.87 6.96 20.86
C GLU B 182 -18.52 7.84 22.06
N PHE B 183 -17.83 7.23 23.02
CA PHE B 183 -17.45 7.90 24.24
C PHE B 183 -16.86 9.27 24.01
N VAL B 184 -16.15 9.42 22.91
CA VAL B 184 -15.45 10.67 22.67
C VAL B 184 -16.26 11.77 21.98
N GLN B 185 -17.32 11.39 21.26
CA GLN B 185 -18.34 12.34 20.85
C GLN B 185 -18.99 12.89 22.12
N ASP B 186 -18.66 14.12 22.51
CA ASP B 186 -18.76 14.43 23.93
C ASP B 186 -20.17 14.47 24.49
N GLU B 187 -20.33 13.82 25.64
CA GLU B 187 -21.42 14.13 26.56
C GLU B 187 -20.94 15.15 27.61
N ASN B 188 -19.84 15.87 27.28
CA ASN B 188 -18.92 16.30 28.34
C ASN B 188 -18.73 15.14 29.30
N ALA B 189 -18.39 13.98 28.74
CA ALA B 189 -18.71 12.68 29.34
C ALA B 189 -18.28 12.66 30.81
N THR B 190 -19.06 11.94 31.62
CA THR B 190 -18.93 12.02 33.06
C THR B 190 -18.05 10.86 33.54
N GLN B 191 -17.66 10.87 34.82
CA GLN B 191 -16.89 9.75 35.37
C GLN B 191 -17.67 8.46 35.21
N GLU B 192 -19.00 8.57 35.25
CA GLU B 192 -19.87 7.40 35.15
C GLU B 192 -19.85 6.81 33.74
N ASP B 193 -19.82 7.68 32.74
CA ASP B 193 -19.76 7.21 31.37
C ASP B 193 -18.42 6.55 31.13
N TYR B 194 -17.36 7.11 31.73
CA TYR B 194 -16.05 6.49 31.61
C TYR B 194 -16.03 5.08 32.21
N LYS B 195 -16.56 4.90 33.42
CA LYS B 195 -16.44 3.58 34.05
C LYS B 195 -17.42 2.55 33.48
N ALA B 196 -18.57 3.02 33.00
CA ALA B 196 -19.43 2.17 32.18
C ALA B 196 -18.64 1.61 30.99
N LEU B 197 -17.94 2.49 30.29
CA LEU B 197 -17.06 2.09 29.19
C LEU B 197 -15.94 1.17 29.62
N GLU B 198 -15.39 1.38 30.81
CA GLU B 198 -14.22 0.59 31.20
C GLU B 198 -14.61 -0.83 31.59
N ARG B 199 -15.86 -1.02 32.01
CA ARG B 199 -16.32 -2.39 32.25
C ARG B 199 -16.67 -3.08 30.92
N LYS B 200 -17.37 -2.37 30.02
CA LYS B 200 -17.68 -2.91 28.70
C LYS B 200 -16.45 -3.43 27.97
N LEU B 201 -15.39 -2.63 27.96
CA LEU B 201 -14.15 -3.00 27.29
C LEU B 201 -13.49 -4.18 27.99
N ASN B 202 -13.58 -4.22 29.31
CA ASN B 202 -13.12 -5.40 30.03
C ASN B 202 -13.89 -6.68 29.69
N ASP B 203 -15.20 -6.56 29.52
CA ASP B 203 -16.04 -7.68 29.06
C ASP B 203 -15.54 -8.21 27.76
N LEU B 204 -15.06 -7.30 26.92
CA LEU B 204 -14.65 -7.65 25.57
C LEU B 204 -13.22 -8.14 25.57
N LYS B 205 -12.37 -7.44 26.30
CA LYS B 205 -11.06 -8.00 26.57
C LYS B 205 -11.21 -9.45 27.08
N ALA B 206 -12.33 -9.75 27.74
CA ALA B 206 -12.52 -11.09 28.37
C ALA B 206 -12.88 -12.17 27.34
N SER B 207 -13.80 -11.86 26.42
CA SER B 207 -14.02 -12.79 25.34
C SER B 207 -12.91 -12.82 24.31
N TYR B 208 -12.32 -11.66 24.00
CA TYR B 208 -11.28 -11.65 22.95
C TYR B 208 -10.13 -12.58 23.31
N TYR B 209 -9.64 -12.47 24.53
CA TYR B 209 -8.50 -13.25 24.96
C TYR B 209 -8.96 -14.38 25.84
N SER B 210 -8.37 -15.54 25.71
CA SER B 210 -8.63 -16.55 26.73
C SER B 210 -7.97 -16.15 28.05
N LEU B 211 -8.76 -16.11 29.12
CA LEU B 211 -8.24 -15.79 30.44
C LEU B 211 -6.88 -16.45 30.78
N SER B 212 -6.72 -17.70 30.41
CA SER B 212 -5.56 -18.44 30.84
C SER B 212 -4.34 -17.94 30.10
N LYS B 213 -4.59 -17.11 29.10
CA LYS B 213 -3.51 -16.58 28.29
C LYS B 213 -3.09 -15.20 28.82
N LEU B 214 -4.08 -14.36 29.14
CA LEU B 214 -3.86 -13.15 29.89
C LEU B 214 -3.01 -13.48 31.11
N ALA B 215 -3.27 -14.66 31.68
CA ALA B 215 -2.69 -15.08 32.96
C ALA B 215 -1.21 -15.44 32.82
N ALA B 216 -0.84 -16.07 31.70
CA ALA B 216 0.55 -16.40 31.47
C ALA B 216 1.32 -15.17 30.99
N ALA B 217 0.60 -14.11 30.64
CA ALA B 217 1.24 -12.85 30.28
C ALA B 217 1.40 -11.90 31.50
N LEU B 218 1.03 -12.37 32.69
CA LEU B 218 1.59 -11.86 33.93
C LEU B 218 0.58 -11.04 34.74
CL CL C . 16.31 -6.53 -2.43
CL CL D . -14.58 -8.12 5.75
#